data_7LP2
#
_entry.id   7LP2
#
_cell.length_a   91.598
_cell.length_b   91.598
_cell.length_c   37.982
_cell.angle_alpha   90.000
_cell.angle_beta   90.000
_cell.angle_gamma   90.000
#
_symmetry.space_group_name_H-M   'P 4 21 2'
#
loop_
_entity.id
_entity.type
_entity.pdbx_description
1 polymer 'E3 ubiquitin-protein ligase'
2 polymer Angiomotin
3 non-polymer GLYCEROL
4 non-polymer 'SULFATE ION'
5 water water
#
loop_
_entity_poly.entity_id
_entity_poly.type
_entity_poly.pdbx_seq_one_letter_code
_entity_poly.pdbx_strand_id
1 'polypeptide(L)' QPHMPGLPSGWEERKDAKGRTYYVNHNNRTTTWTRPIM A,C,E
2 'polypeptide(L)' MEHRGPPPEYPFKGM B,D,F
#
# COMPACT_ATOMS: atom_id res chain seq x y z
N GLY A 6 -5.00 -14.07 2.67
CA GLY A 6 -4.80 -12.69 2.22
C GLY A 6 -3.47 -12.07 2.61
N LEU A 7 -3.49 -11.28 3.63
CA LEU A 7 -2.27 -10.56 3.98
C LEU A 7 -1.50 -11.31 5.05
N PRO A 8 -0.19 -11.03 5.17
CA PRO A 8 0.59 -11.70 6.20
C PRO A 8 0.12 -11.30 7.60
N SER A 9 0.50 -12.13 8.55
CA SER A 9 0.06 -11.98 9.93
C SER A 9 0.35 -10.57 10.44
N GLY A 10 -0.64 -9.97 11.12
CA GLY A 10 -0.52 -8.63 11.69
C GLY A 10 -0.81 -7.47 10.75
N TRP A 11 -1.06 -7.71 9.47
CA TRP A 11 -1.28 -6.65 8.50
C TRP A 11 -2.76 -6.53 8.13
N GLU A 12 -3.22 -5.29 7.95
CA GLU A 12 -4.60 -4.97 7.63
C GLU A 12 -4.67 -4.02 6.45
N GLU A 13 -5.59 -4.29 5.53
CA GLU A 13 -5.80 -3.42 4.39
C GLU A 13 -6.90 -2.40 4.70
N ARG A 14 -6.65 -1.13 4.40
CA ARG A 14 -7.61 -0.06 4.69
C ARG A 14 -7.65 0.91 3.51
N LYS A 15 -8.50 1.93 3.63
CA LYS A 15 -8.75 2.89 2.57
C LYS A 15 -8.62 4.29 3.17
N ASP A 16 -7.94 5.21 2.48
CA ASP A 16 -7.87 6.58 2.97
C ASP A 16 -9.10 7.38 2.56
N ALA A 17 -9.12 8.68 2.90
CA ALA A 17 -10.28 9.53 2.65
C ALA A 17 -10.59 9.67 1.17
N LYS A 18 -9.62 9.41 0.29
CA LYS A 18 -9.86 9.49 -1.15
C LYS A 18 -10.15 8.12 -1.73
N GLY A 19 -10.42 7.13 -0.88
CA GLY A 19 -10.71 5.79 -1.35
C GLY A 19 -9.48 4.97 -1.70
N ARG A 20 -8.27 5.50 -1.47
CA ARG A 20 -7.05 4.83 -1.91
C ARG A 20 -6.61 3.77 -0.91
N THR A 21 -6.31 2.58 -1.43
CA THR A 21 -5.92 1.46 -0.56
C THR A 21 -4.54 1.70 0.02
N TYR A 22 -4.39 1.42 1.32
CA TYR A 22 -3.09 1.40 1.96
C TYR A 22 -3.07 0.27 2.99
N TYR A 23 -1.92 0.08 3.65
CA TYR A 23 -1.72 -1.09 4.49
C TYR A 23 -1.24 -0.67 5.87
N VAL A 24 -1.81 -1.32 6.89
CA VAL A 24 -1.54 -1.03 8.30
C VAL A 24 -0.78 -2.22 8.87
N ASN A 25 0.43 -1.96 9.35
CA ASN A 25 1.29 -2.97 9.96
C ASN A 25 1.10 -2.89 11.47
N HIS A 26 0.28 -3.79 12.02
CA HIS A 26 0.04 -3.80 13.46
C HIS A 26 1.13 -4.50 14.26
N ASN A 27 2.08 -5.16 13.58
CA ASN A 27 3.22 -5.74 14.28
C ASN A 27 4.16 -4.64 14.75
N ASN A 28 4.43 -3.65 13.89
CA ASN A 28 5.42 -2.62 14.17
C ASN A 28 4.83 -1.23 14.33
N ARG A 29 3.52 -1.06 14.12
CA ARG A 29 2.78 0.21 14.28
C ARG A 29 3.20 1.23 13.22
N THR A 30 3.12 0.81 11.96
CA THR A 30 3.45 1.66 10.82
C THR A 30 2.38 1.48 9.73
N THR A 31 2.39 2.39 8.78
CA THR A 31 1.55 2.30 7.59
C THR A 31 2.41 2.57 6.35
N THR A 32 1.90 2.10 5.21
CA THR A 32 2.61 2.20 3.95
C THR A 32 1.62 2.05 2.82
N TRP A 33 1.94 2.65 1.67
CA TRP A 33 1.22 2.37 0.44
C TRP A 33 1.51 0.98 -0.11
N THR A 34 2.61 0.37 0.30
CA THR A 34 3.13 -0.83 -0.35
C THR A 34 2.49 -2.10 0.24
N ARG A 35 1.86 -2.89 -0.60
CA ARG A 35 1.33 -4.16 -0.12
C ARG A 35 2.47 -5.09 0.28
N PRO A 36 2.41 -5.74 1.43
CA PRO A 36 3.49 -6.67 1.81
C PRO A 36 3.49 -7.94 0.98
N ILE A 37 4.70 -8.42 0.66
CA ILE A 37 4.92 -9.59 -0.18
C ILE A 37 4.83 -10.88 0.63
N MET A 38 5.25 -10.84 1.89
CA MET A 38 5.34 -12.07 2.69
C MET A 38 5.22 -11.71 4.15
N GLY B 5 2.05 12.19 -1.45
CA GLY B 5 1.91 12.34 -0.01
C GLY B 5 1.78 10.98 0.66
N PRO B 6 1.88 10.95 1.98
CA PRO B 6 1.93 9.65 2.68
C PRO B 6 0.54 9.12 2.97
N PRO B 7 0.43 7.85 3.37
CA PRO B 7 -0.85 7.30 3.76
C PRO B 7 -1.24 7.81 5.14
N PRO B 8 -2.48 7.56 5.56
CA PRO B 8 -2.86 7.88 6.94
C PRO B 8 -1.89 7.24 7.93
N GLU B 9 -1.76 7.90 9.08
CA GLU B 9 -0.86 7.43 10.10
C GLU B 9 -1.46 6.21 10.82
N TYR B 10 -0.58 5.47 11.49
CA TYR B 10 -1.05 4.39 12.35
C TYR B 10 -1.98 4.97 13.42
N PRO B 11 -3.08 4.26 13.78
CA PRO B 11 -3.99 4.77 14.82
C PRO B 11 -3.41 4.57 16.20
N PHE B 12 -2.80 5.59 16.78
CA PHE B 12 -2.00 5.31 17.96
C PHE B 12 -2.84 4.93 19.17
N LYS B 13 -4.10 5.39 19.26
CA LYS B 13 -4.96 4.94 20.35
C LYS B 13 -5.19 3.43 20.29
N GLY B 14 -5.13 2.85 19.09
CA GLY B 14 -5.26 1.41 18.95
C GLY B 14 -4.11 0.61 19.52
N MET B 15 -3.02 1.27 19.93
CA MET B 15 -1.92 0.57 20.58
C MET B 15 -2.27 0.20 22.01
N GLY C 6 17.70 1.15 18.95
CA GLY C 6 17.84 0.19 17.87
C GLY C 6 16.54 -0.32 17.27
N LEU C 7 16.55 -0.59 15.96
CA LEU C 7 15.31 -0.99 15.30
C LEU C 7 14.94 -2.44 15.64
N PRO C 8 13.66 -2.78 15.53
CA PRO C 8 13.23 -4.16 15.79
C PRO C 8 13.77 -5.11 14.74
N SER C 9 13.71 -6.40 15.08
CA SER C 9 14.23 -7.45 14.21
C SER C 9 13.72 -7.30 12.78
N GLY C 10 14.64 -7.40 11.81
CA GLY C 10 14.28 -7.39 10.39
C GLY C 10 14.16 -6.02 9.75
N TRP C 11 14.25 -4.96 10.53
CA TRP C 11 14.11 -3.59 10.02
C TRP C 11 15.47 -2.93 9.92
N GLU C 12 15.70 -2.23 8.81
CA GLU C 12 16.98 -1.59 8.52
C GLU C 12 16.74 -0.14 8.13
N GLU C 13 17.57 0.74 8.68
CA GLU C 13 17.61 2.16 8.33
C GLU C 13 18.45 2.39 7.07
N ARG C 14 17.96 3.25 6.17
CA ARG C 14 18.73 3.67 5.00
C ARG C 14 18.45 5.14 4.73
N LYS C 15 19.24 5.73 3.81
CA LYS C 15 19.04 7.10 3.35
C LYS C 15 18.81 7.11 1.85
N ASP C 16 17.90 7.98 1.39
CA ASP C 16 17.61 8.06 -0.03
C ASP C 16 18.59 9.02 -0.71
N ALA C 17 18.38 9.24 -2.00
CA ALA C 17 19.32 10.03 -2.80
C ALA C 17 19.46 11.46 -2.29
N LYS C 18 18.50 11.96 -1.51
CA LYS C 18 18.57 13.32 -0.97
C LYS C 18 19.05 13.35 0.47
N GLY C 19 19.48 12.22 1.03
CA GLY C 19 19.95 12.20 2.40
C GLY C 19 18.87 11.96 3.45
N ARG C 20 17.64 11.64 3.04
CA ARG C 20 16.56 11.49 4.01
C ARG C 20 16.47 10.05 4.50
N THR C 21 16.29 9.91 5.81
CA THR C 21 16.22 8.58 6.40
C THR C 21 14.87 7.94 6.11
N TYR C 22 14.90 6.65 5.76
CA TYR C 22 13.68 5.86 5.62
C TYR C 22 13.98 4.45 6.13
N TYR C 23 12.92 3.65 6.28
CA TYR C 23 13.01 2.37 6.97
C TYR C 23 12.62 1.23 6.05
N VAL C 24 13.45 0.17 6.06
CA VAL C 24 13.28 -1.00 5.19
C VAL C 24 12.87 -2.18 6.06
N ASN C 25 11.69 -2.71 5.79
CA ASN C 25 11.12 -3.85 6.52
C ASN C 25 11.46 -5.08 5.70
N HIS C 26 12.54 -5.77 6.08
CA HIS C 26 12.92 -6.98 5.36
C HIS C 26 12.08 -8.20 5.76
N ASN C 27 11.20 -8.05 6.76
CA ASN C 27 10.32 -9.15 7.14
C ASN C 27 9.24 -9.35 6.07
N ASN C 28 8.63 -8.26 5.64
CA ASN C 28 7.49 -8.26 4.72
C ASN C 28 7.83 -7.65 3.36
N ARG C 29 9.05 -7.13 3.20
CA ARG C 29 9.57 -6.51 1.97
C ARG C 29 8.81 -5.24 1.62
N THR C 30 8.87 -4.27 2.53
CA THR C 30 8.22 -2.98 2.36
C THR C 30 9.16 -1.89 2.85
N THR C 31 8.80 -0.64 2.55
CA THR C 31 9.54 0.50 3.04
C THR C 31 8.53 1.57 3.45
N THR C 32 8.97 2.47 4.32
CA THR C 32 8.09 3.47 4.88
C THR C 32 8.96 4.58 5.44
N TRP C 33 8.41 5.79 5.48
CA TRP C 33 9.05 6.88 6.18
C TRP C 33 8.94 6.76 7.69
N THR C 34 7.99 5.97 8.19
CA THR C 34 7.70 5.96 9.62
C THR C 34 8.66 5.02 10.36
N ARG C 35 9.30 5.53 11.40
CA ARG C 35 10.13 4.67 12.23
C ARG C 35 9.24 3.68 12.95
N PRO C 36 9.53 2.37 12.90
CA PRO C 36 8.72 1.42 13.67
C PRO C 36 8.84 1.65 15.18
N ILE C 37 7.73 1.41 15.87
CA ILE C 37 7.63 1.67 17.30
C ILE C 37 8.03 0.45 18.14
N MET C 38 7.97 -0.74 17.56
CA MET C 38 8.19 -1.99 18.26
C MET C 38 8.36 -3.10 17.24
N ARG D 4 5.51 15.00 -0.02
CA ARG D 4 6.87 14.48 0.14
C ARG D 4 7.23 13.32 -0.80
N GLY D 5 6.24 12.56 -1.26
CA GLY D 5 6.49 11.45 -2.15
C GLY D 5 6.92 10.19 -1.41
N PRO D 6 6.70 9.05 -2.05
CA PRO D 6 6.96 7.76 -1.36
C PRO D 6 8.44 7.53 -1.16
N PRO D 7 8.83 6.74 -0.15
CA PRO D 7 10.24 6.40 0.02
C PRO D 7 10.70 5.51 -1.12
N PRO D 8 12.01 5.25 -1.24
CA PRO D 8 12.46 4.31 -2.27
C PRO D 8 11.81 2.96 -2.09
N GLU D 9 11.63 2.25 -3.20
CA GLU D 9 10.94 0.97 -3.09
C GLU D 9 11.87 -0.03 -2.42
N TYR D 10 11.28 -1.14 -1.98
CA TYR D 10 12.09 -2.19 -1.38
C TYR D 10 13.10 -2.72 -2.40
N PRO D 11 14.37 -3.02 -1.99
CA PRO D 11 15.36 -3.55 -2.95
C PRO D 11 15.08 -4.99 -3.31
N PHE D 12 14.17 -5.17 -4.26
CA PHE D 12 13.68 -6.50 -4.60
C PHE D 12 14.78 -7.42 -5.09
N LYS D 13 15.85 -6.87 -5.65
CA LYS D 13 16.98 -7.69 -6.11
C LYS D 13 17.62 -8.44 -4.96
N GLY D 14 17.48 -7.94 -3.73
CA GLY D 14 18.02 -8.59 -2.56
C GLY D 14 17.14 -9.63 -1.92
N MET D 15 15.96 -9.94 -2.44
CA MET D 15 15.12 -10.87 -1.71
C MET D 15 15.15 -12.31 -2.24
N GLN E 1 -25.27 -20.74 -17.57
CA GLN E 1 -25.51 -19.58 -16.74
C GLN E 1 -24.36 -19.31 -15.76
N PRO E 2 -23.17 -19.04 -16.28
CA PRO E 2 -22.04 -18.74 -15.39
C PRO E 2 -22.02 -17.27 -14.97
N HIS E 3 -21.07 -16.96 -14.11
CA HIS E 3 -20.83 -15.59 -13.71
C HIS E 3 -20.28 -14.76 -14.87
N MET E 4 -20.33 -13.44 -14.69
CA MET E 4 -19.91 -12.49 -15.72
C MET E 4 -18.44 -12.74 -16.07
N PRO E 5 -18.06 -12.63 -17.34
CA PRO E 5 -16.64 -12.68 -17.68
C PRO E 5 -15.85 -11.60 -16.96
N GLY E 6 -14.61 -11.92 -16.63
CA GLY E 6 -13.72 -10.92 -16.06
C GLY E 6 -13.90 -10.63 -14.59
N LEU E 7 -13.65 -9.38 -14.19
CA LEU E 7 -13.58 -9.01 -12.78
C LEU E 7 -14.93 -9.22 -12.07
N PRO E 8 -14.90 -9.41 -10.76
CA PRO E 8 -16.16 -9.56 -10.03
C PRO E 8 -17.02 -8.30 -10.13
N SER E 9 -18.33 -8.50 -10.00
CA SER E 9 -19.29 -7.43 -10.21
C SER E 9 -18.94 -6.20 -9.38
N GLY E 10 -19.05 -5.01 -10.00
CA GLY E 10 -18.76 -3.76 -9.34
C GLY E 10 -17.35 -3.24 -9.52
N TRP E 11 -16.43 -4.08 -10.00
CA TRP E 11 -15.05 -3.72 -10.19
C TRP E 11 -14.77 -3.34 -11.63
N GLU E 12 -13.79 -2.45 -11.82
CA GLU E 12 -13.46 -1.94 -13.14
C GLU E 12 -11.95 -1.82 -13.22
N GLU E 13 -11.37 -2.34 -14.32
CA GLU E 13 -9.96 -2.14 -14.59
C GLU E 13 -9.78 -0.83 -15.34
N ARG E 14 -8.87 0.01 -14.87
CA ARG E 14 -8.51 1.23 -15.58
C ARG E 14 -7.00 1.30 -15.73
N LYS E 15 -6.53 2.28 -16.49
CA LYS E 15 -5.13 2.60 -16.56
C LYS E 15 -4.94 4.09 -16.26
N ASP E 16 -3.87 4.44 -15.57
CA ASP E 16 -3.63 5.85 -15.27
C ASP E 16 -2.98 6.56 -16.46
N ALA E 17 -2.73 7.87 -16.30
CA ALA E 17 -2.25 8.68 -17.42
C ALA E 17 -0.91 8.21 -17.94
N LYS E 18 -0.19 7.42 -17.18
CA LYS E 18 1.12 6.92 -17.54
C LYS E 18 1.08 5.44 -17.93
N GLY E 19 -0.13 4.89 -18.10
CA GLY E 19 -0.35 3.56 -18.63
C GLY E 19 -0.36 2.46 -17.60
N ARG E 20 -0.37 2.81 -16.31
CA ARG E 20 -0.32 1.84 -15.24
C ARG E 20 -1.73 1.33 -14.94
N THR E 21 -1.87 0.02 -14.83
CA THR E 21 -3.17 -0.58 -14.59
C THR E 21 -3.51 -0.50 -13.11
N TYR E 22 -4.77 -0.18 -12.81
CA TYR E 22 -5.26 -0.22 -11.45
C TYR E 22 -6.71 -0.65 -11.48
N TYR E 23 -7.29 -0.81 -10.30
CA TYR E 23 -8.60 -1.42 -10.17
C TYR E 23 -9.48 -0.54 -9.31
N VAL E 24 -10.71 -0.31 -9.77
CA VAL E 24 -11.67 0.54 -9.08
C VAL E 24 -12.77 -0.38 -8.59
N ASN E 25 -13.01 -0.37 -7.29
CA ASN E 25 -14.13 -1.07 -6.68
C ASN E 25 -15.25 -0.04 -6.48
N HIS E 26 -16.22 -0.05 -7.39
CA HIS E 26 -17.38 0.83 -7.31
C HIS E 26 -18.41 0.39 -6.27
N ASN E 27 -18.24 -0.80 -5.67
CA ASN E 27 -19.14 -1.23 -4.59
C ASN E 27 -18.91 -0.39 -3.34
N ASN E 28 -17.64 -0.09 -3.02
CA ASN E 28 -17.33 0.72 -1.83
C ASN E 28 -16.52 1.97 -2.17
N ARG E 29 -16.34 2.28 -3.45
CA ARG E 29 -15.70 3.53 -3.90
C ARG E 29 -14.24 3.60 -3.47
N THR E 30 -13.47 2.57 -3.83
CA THR E 30 -12.07 2.47 -3.48
C THR E 30 -11.24 2.13 -4.72
N THR E 31 -9.93 2.28 -4.58
CA THR E 31 -8.99 1.93 -5.64
C THR E 31 -7.79 1.18 -5.06
N THR E 32 -7.17 0.38 -5.90
CA THR E 32 -6.05 -0.46 -5.49
C THR E 32 -5.24 -0.87 -6.70
N TRP E 33 -3.93 -1.04 -6.48
CA TRP E 33 -3.07 -1.63 -7.50
C TRP E 33 -3.32 -3.13 -7.66
N THR E 34 -3.91 -3.77 -6.65
CA THR E 34 -3.95 -5.23 -6.57
C THR E 34 -5.20 -5.77 -7.25
N ARG E 35 -5.01 -6.63 -8.25
CA ARG E 35 -6.14 -7.25 -8.93
C ARG E 35 -6.88 -8.17 -7.95
N PRO E 36 -8.20 -8.08 -7.85
CA PRO E 36 -8.92 -8.92 -6.87
C PRO E 36 -8.89 -10.39 -7.27
N ILE E 37 -9.00 -11.25 -6.25
CA ILE E 37 -9.06 -12.72 -6.39
C ILE E 37 -8.28 -13.24 -7.58
N MET F 1 4.84 -6.68 -5.27
CA MET F 1 5.55 -5.94 -6.30
C MET F 1 4.56 -5.26 -7.23
N GLU F 2 3.99 -4.17 -6.76
CA GLU F 2 3.00 -3.39 -7.50
C GLU F 2 3.61 -2.05 -7.86
N HIS F 3 2.85 -1.23 -8.59
CA HIS F 3 3.30 0.11 -8.91
C HIS F 3 3.54 0.90 -7.63
N ARG F 4 4.46 1.87 -7.72
CA ARG F 4 4.97 2.59 -6.56
C ARG F 4 3.98 3.64 -6.08
N GLY F 5 3.89 3.81 -4.75
CA GLY F 5 3.06 4.85 -4.20
C GLY F 5 1.57 4.53 -4.27
N PRO F 6 0.73 5.54 -4.05
CA PRO F 6 -0.72 5.31 -3.91
C PRO F 6 -1.37 5.08 -5.26
N PRO F 7 -2.44 4.30 -5.33
CA PRO F 7 -3.23 4.23 -6.56
C PRO F 7 -3.95 5.56 -6.79
N PRO F 8 -4.45 5.81 -8.00
CA PRO F 8 -5.23 7.03 -8.21
C PRO F 8 -6.44 7.11 -7.27
N GLU F 9 -6.86 8.34 -6.97
CA GLU F 9 -8.04 8.50 -6.13
C GLU F 9 -9.29 8.00 -6.84
N TYR F 10 -10.27 7.56 -6.07
CA TYR F 10 -11.55 7.19 -6.64
C TYR F 10 -12.17 8.42 -7.32
N PRO F 11 -12.70 8.29 -8.52
CA PRO F 11 -13.33 9.44 -9.18
C PRO F 11 -14.61 9.82 -8.46
N PHE F 12 -14.50 10.59 -7.38
CA PHE F 12 -15.65 10.81 -6.52
C PHE F 12 -16.75 11.61 -7.19
N LYS F 13 -16.51 12.21 -8.35
CA LYS F 13 -17.59 12.87 -9.07
C LYS F 13 -18.55 11.90 -9.75
N GLY F 14 -18.25 10.60 -9.73
CA GLY F 14 -19.15 9.59 -10.28
C GLY F 14 -20.26 9.17 -9.34
N MET F 15 -20.15 9.57 -8.07
CA MET F 15 -21.09 9.23 -7.03
C MET F 15 -22.32 10.08 -7.19
#